data_3U1R
#
_entry.id   3U1R
#
_cell.length_a   45.907
_cell.length_b   75.195
_cell.length_c   115.416
_cell.angle_alpha   90.00
_cell.angle_beta   90.00
_cell.angle_gamma   90.00
#
_symmetry.space_group_name_H-M   'P 21 21 21'
#
loop_
_entity.id
_entity.type
_entity.pdbx_description
1 polymer 'Alkaline metalloprotease'
2 non-polymer 'ZINC ION'
3 non-polymer 'CALCIUM ION'
4 water water
#
_entity_poly.entity_id   1
_entity_poly.type   'polypeptide(L)'
_entity_poly.pdbx_seq_one_letter_code
;MSKLKEKAALSVNPTFAANGTSSAFTQVDNFSHFYDRGNHLVNGKPSFTVDQAADQLTRSGASWYDLNGDGVINLSYTFL
TSPPPGYASRGLGTFSSFSGLQKEQAKLSLESWADVAKVTFTEGPAARGDDGHMTFANFSASNGGAAFAYLPNSSRKGES
WYLINKDYDVNKTPGEGNYGRQTLTHEIGHTLGLSHPGDYNAGNGNPSYRDAVYGEDTRAYSVMSYWSEKNTGQVFTKTG
EGAYASAPLLDDIAAVQKLYGANMETRAGDTVYGFNSTADRDYYSATSATDKLIFSVWDGGGNDTLDFSGFSQNQKINLA
AGSFSDVGGMTGNVSIAQGVTIENAIGGSGNDLLLGNAASNILKGGAGNDIIYGGGGADKLWGGSGSDTFVYREVSDSTP
KAADTLMDFQTGLDKIDLTGITHLSGLNFVNAFTGQAGDAVVSYNQASNAGSLQVDFSGHGVADFLITTVGQVATYDIVA
;
_entity_poly.pdbx_strand_id   A
#
loop_
_chem_comp.id
_chem_comp.type
_chem_comp.name
_chem_comp.formula
CA non-polymer 'CALCIUM ION' 'Ca 2'
ZN non-polymer 'ZINC ION' 'Zn 2'
#
# COMPACT_ATOMS: atom_id res chain seq x y z
N GLY A 20 -5.61 -26.56 -16.94
CA GLY A 20 -5.98 -25.16 -17.39
C GLY A 20 -7.00 -24.53 -16.45
N THR A 21 -7.26 -23.25 -16.63
CA THR A 21 -8.28 -22.55 -15.82
C THR A 21 -8.88 -21.51 -16.80
N SER A 22 -9.90 -20.73 -16.38
CA SER A 22 -10.34 -19.64 -17.25
C SER A 22 -9.30 -18.49 -17.23
N SER A 23 -9.52 -17.54 -18.11
CA SER A 23 -8.72 -16.29 -18.09
C SER A 23 -8.96 -15.45 -16.81
N ALA A 24 -10.23 -15.40 -16.33
CA ALA A 24 -10.55 -14.56 -15.17
C ALA A 24 -9.74 -15.13 -13.97
N PHE A 25 -9.69 -16.46 -13.81
CA PHE A 25 -8.80 -17.02 -12.75
C PHE A 25 -7.28 -16.67 -13.00
N THR A 26 -6.76 -16.92 -14.19
CA THR A 26 -5.40 -16.58 -14.56
C THR A 26 -5.14 -15.11 -14.20
N GLN A 27 -6.08 -14.20 -14.53
CA GLN A 27 -5.83 -12.80 -14.21
C GLN A 27 -5.73 -12.57 -12.73
N VAL A 28 -6.62 -13.17 -11.92
CA VAL A 28 -6.45 -12.91 -10.51
C VAL A 28 -5.21 -13.54 -9.96
N ASP A 29 -4.89 -14.75 -10.46
CA ASP A 29 -3.67 -15.42 -10.02
C ASP A 29 -2.42 -14.61 -10.37
N ASN A 30 -2.30 -14.19 -11.63
CA ASN A 30 -1.13 -13.41 -12.05
C ASN A 30 -1.01 -12.09 -11.29
N PHE A 31 -2.14 -11.36 -11.13
CA PHE A 31 -2.08 -10.11 -10.36
C PHE A 31 -1.71 -10.38 -8.89
N SER A 32 -2.26 -11.43 -8.29
CA SER A 32 -1.88 -11.80 -6.90
C SER A 32 -0.38 -12.07 -6.79
N HIS A 33 0.23 -12.53 -7.90
CA HIS A 33 1.68 -12.82 -7.89
C HIS A 33 2.57 -11.78 -8.57
N PHE A 34 1.96 -10.76 -9.18
CA PHE A 34 2.73 -9.85 -10.03
C PHE A 34 3.85 -9.12 -9.23
N TYR A 35 3.64 -8.88 -7.95
CA TYR A 35 4.61 -8.05 -7.21
C TYR A 35 5.30 -8.91 -6.14
N ASP A 36 5.30 -10.23 -6.33
CA ASP A 36 5.97 -11.13 -5.39
C ASP A 36 7.43 -10.76 -5.13
N ARG A 37 7.88 -10.90 -3.87
CA ARG A 37 9.26 -10.56 -3.54
C ARG A 37 9.98 -11.71 -2.90
N GLY A 38 11.30 -11.78 -3.10
CA GLY A 38 12.09 -12.76 -2.37
C GLY A 38 12.40 -13.93 -3.27
N ASN A 39 13.50 -14.61 -3.02
CA ASN A 39 13.77 -15.88 -3.73
C ASN A 39 13.74 -15.85 -5.28
N HIS A 40 13.95 -14.70 -5.93
CA HIS A 40 14.13 -14.70 -7.38
C HIS A 40 14.92 -13.50 -7.80
N LEU A 41 15.16 -13.37 -9.09
CA LEU A 41 16.01 -12.26 -9.53
C LEU A 41 15.14 -11.18 -10.16
N VAL A 42 15.43 -9.91 -9.84
CA VAL A 42 14.74 -8.75 -10.37
C VAL A 42 15.78 -7.79 -10.98
N ASN A 43 15.71 -7.58 -12.30
CA ASN A 43 16.76 -6.84 -12.99
C ASN A 43 18.16 -7.47 -12.76
N GLY A 44 18.23 -8.79 -12.74
CA GLY A 44 19.56 -9.40 -12.43
C GLY A 44 19.97 -9.33 -10.97
N LYS A 45 19.15 -8.68 -10.13
CA LYS A 45 19.58 -8.47 -8.70
C LYS A 45 18.78 -9.40 -7.82
N PRO A 46 19.26 -9.69 -6.60
CA PRO A 46 18.38 -10.47 -5.70
C PRO A 46 17.09 -9.68 -5.38
N SER A 47 15.98 -10.38 -5.20
CA SER A 47 14.75 -9.74 -4.83
C SER A 47 14.65 -9.85 -3.29
N PHE A 48 14.48 -8.71 -2.62
CA PHE A 48 14.32 -8.65 -1.17
C PHE A 48 12.84 -8.57 -0.77
N THR A 49 12.44 -9.32 0.26
CA THR A 49 11.07 -9.20 0.79
C THR A 49 10.95 -7.88 1.52
N VAL A 50 9.76 -7.50 2.00
CA VAL A 50 9.69 -6.28 2.77
C VAL A 50 10.66 -6.37 3.95
N ASP A 51 10.70 -7.53 4.61
CA ASP A 51 11.50 -7.63 5.87
C ASP A 51 12.97 -7.49 5.54
N GLN A 52 13.41 -8.06 4.40
CA GLN A 52 14.79 -7.93 4.09
C GLN A 52 15.11 -6.48 3.77
N ALA A 53 14.23 -5.80 3.03
CA ALA A 53 14.47 -4.43 2.64
C ALA A 53 14.45 -3.53 3.90
N ALA A 54 13.57 -3.86 4.88
CA ALA A 54 13.49 -3.08 6.14
C ALA A 54 14.82 -3.23 6.92
N ASP A 55 15.44 -4.42 6.88
CA ASP A 55 16.78 -4.60 7.54
C ASP A 55 17.86 -3.89 6.76
N GLN A 56 17.81 -3.95 5.41
CA GLN A 56 18.74 -3.18 4.63
C GLN A 56 18.66 -1.65 5.01
N LEU A 57 17.45 -1.13 5.17
CA LEU A 57 17.27 0.35 5.40
C LEU A 57 17.72 0.79 6.79
N THR A 58 17.76 -0.19 7.69
CA THR A 58 18.22 -0.03 9.04
C THR A 58 19.57 -0.69 9.35
N ARG A 59 20.39 -0.95 8.31
CA ARG A 59 21.67 -1.67 8.52
C ARG A 59 22.72 -0.96 9.36
N SER A 60 22.55 0.34 9.63
CA SER A 60 23.55 1.00 10.46
C SER A 60 23.34 0.59 11.96
N GLY A 61 22.14 0.14 12.32
CA GLY A 61 21.76 -0.05 13.71
C GLY A 61 21.65 1.26 14.46
N ALA A 62 21.69 2.41 13.80
CA ALA A 62 21.55 3.66 14.54
C ALA A 62 20.08 3.88 14.93
N SER A 63 19.88 4.39 16.11
CA SER A 63 18.52 4.78 16.48
C SER A 63 18.53 5.81 17.60
N TRP A 64 17.41 6.51 17.75
CA TRP A 64 17.18 7.24 18.97
C TRP A 64 16.85 6.29 20.11
N TYR A 65 17.04 6.76 21.34
CA TYR A 65 16.71 5.91 22.52
C TYR A 65 15.63 6.61 23.29
N ASP A 66 14.78 5.83 23.91
CA ASP A 66 13.74 6.40 24.75
C ASP A 66 14.39 6.72 26.09
N LEU A 67 14.96 7.90 26.13
CA LEU A 67 15.75 8.31 27.27
C LEU A 67 14.90 8.51 28.52
N ASN A 68 13.66 8.97 28.39
CA ASN A 68 12.86 9.21 29.61
C ASN A 68 11.89 8.06 29.95
N GLY A 69 11.87 6.98 29.18
CA GLY A 69 11.01 5.80 29.48
C GLY A 69 9.51 6.07 29.34
N ASP A 70 9.14 7.08 28.58
CA ASP A 70 7.75 7.36 28.49
C ASP A 70 7.11 6.50 27.41
N GLY A 71 7.89 5.72 26.68
CA GLY A 71 7.31 4.77 25.74
C GLY A 71 7.30 5.23 24.31
N VAL A 72 7.68 6.49 24.06
CA VAL A 72 7.80 7.01 22.69
C VAL A 72 9.20 7.63 22.57
N ILE A 73 9.67 7.79 21.33
CA ILE A 73 10.82 8.65 21.11
C ILE A 73 10.23 10.06 20.96
N ASN A 74 10.54 10.93 21.91
CA ASN A 74 9.99 12.25 21.85
C ASN A 74 11.10 13.24 21.51
N LEU A 75 10.99 13.75 20.28
CA LEU A 75 11.94 14.62 19.69
C LEU A 75 11.36 16.03 19.57
N SER A 76 12.20 17.04 19.78
CA SER A 76 11.90 18.45 19.47
C SER A 76 12.66 18.79 18.19
N TYR A 77 12.26 19.85 17.51
CA TYR A 77 12.96 20.32 16.31
C TYR A 77 12.85 21.82 16.19
N THR A 78 13.88 22.42 15.55
CA THR A 78 13.91 23.86 15.36
C THR A 78 14.10 24.14 13.90
N PHE A 79 13.35 25.09 13.36
CA PHE A 79 13.72 25.69 12.07
C PHE A 79 14.76 26.79 12.39
N LEU A 80 16.02 26.48 12.17
CA LEU A 80 17.11 27.41 12.56
C LEU A 80 16.85 28.77 11.89
N THR A 81 17.12 29.87 12.57
CA THR A 81 16.88 31.20 11.96
C THR A 81 18.24 31.86 11.64
N SER A 82 19.31 31.30 12.17
CA SER A 82 20.66 31.70 11.78
C SER A 82 21.63 30.52 11.82
N PRO A 83 22.84 30.69 11.25
CA PRO A 83 23.76 29.55 11.04
C PRO A 83 24.20 29.01 12.40
N PRO A 84 24.11 27.68 12.59
CA PRO A 84 24.56 27.06 13.84
C PRO A 84 26.10 27.18 14.00
N PRO A 85 26.62 27.04 15.24
CA PRO A 85 28.09 27.06 15.43
C PRO A 85 28.76 25.98 14.57
N GLY A 86 29.84 26.29 13.87
CA GLY A 86 30.54 25.29 13.06
C GLY A 86 30.09 25.40 11.61
N TYR A 87 28.99 26.10 11.39
CA TYR A 87 28.37 26.14 10.04
C TYR A 87 29.41 26.68 9.05
N ALA A 88 30.08 27.77 9.40
CA ALA A 88 30.90 28.45 8.40
C ALA A 88 32.09 27.60 7.88
N SER A 89 32.59 26.65 8.64
CA SER A 89 33.73 25.86 8.20
C SER A 89 33.27 24.62 7.41
N ARG A 90 31.96 24.45 7.24
CA ARG A 90 31.43 23.28 6.56
C ARG A 90 31.34 23.41 5.01
N GLY A 91 31.70 24.57 4.44
CA GLY A 91 31.67 24.76 2.95
C GLY A 91 30.23 24.56 2.37
N LEU A 92 29.22 25.03 3.09
CA LEU A 92 27.82 24.85 2.65
C LEU A 92 27.30 26.05 1.89
N GLY A 93 28.15 27.09 1.74
CA GLY A 93 27.71 28.39 1.11
C GLY A 93 26.72 29.19 2.02
N THR A 94 25.79 29.93 1.44
CA THR A 94 24.90 30.84 2.18
C THR A 94 23.79 30.13 2.95
N PHE A 95 23.73 30.35 4.26
CA PHE A 95 22.66 29.78 5.05
C PHE A 95 21.39 30.54 4.75
N SER A 96 20.24 29.87 4.77
CA SER A 96 18.95 30.58 5.00
C SER A 96 17.95 29.71 5.72
N SER A 97 16.92 30.34 6.29
CA SER A 97 15.97 29.58 7.08
C SER A 97 14.82 29.12 6.24
N PHE A 98 14.06 28.19 6.78
CA PHE A 98 12.91 27.68 6.05
C PHE A 98 11.95 28.82 5.80
N SER A 99 11.27 28.81 4.65
CA SER A 99 10.12 29.67 4.44
C SER A 99 8.88 29.10 5.14
N GLY A 100 7.82 29.87 5.22
CA GLY A 100 6.56 29.35 5.79
C GLY A 100 6.04 28.08 5.10
N LEU A 101 6.15 28.01 3.76
CA LEU A 101 5.72 26.82 2.99
C LEU A 101 6.59 25.60 3.33
N GLN A 102 7.90 25.82 3.42
CA GLN A 102 8.80 24.74 3.81
C GLN A 102 8.47 24.23 5.20
N LYS A 103 8.14 25.13 6.12
CA LYS A 103 7.77 24.75 7.48
C LYS A 103 6.48 23.98 7.50
N GLU A 104 5.50 24.43 6.73
CA GLU A 104 4.21 23.80 6.74
C GLU A 104 4.37 22.35 6.20
N GLN A 105 5.04 22.21 5.04
CA GLN A 105 5.35 20.91 4.44
C GLN A 105 6.25 20.00 5.31
N ALA A 106 7.23 20.57 5.99
CA ALA A 106 8.09 19.80 6.91
C ALA A 106 7.24 19.13 7.99
N LYS A 107 6.29 19.89 8.57
CA LYS A 107 5.39 19.37 9.63
C LYS A 107 4.47 18.28 9.11
N LEU A 108 3.93 18.41 7.88
CA LEU A 108 3.18 17.32 7.25
C LEU A 108 4.05 16.02 7.09
N SER A 109 5.30 16.15 6.65
CA SER A 109 6.22 15.03 6.54
C SER A 109 6.50 14.37 7.92
N LEU A 110 6.76 15.21 8.93
CA LEU A 110 6.96 14.76 10.33
C LEU A 110 5.72 14.01 10.77
N GLU A 111 4.51 14.61 10.54
CA GLU A 111 3.28 13.92 10.93
C GLU A 111 3.16 12.48 10.26
N SER A 112 3.49 12.36 9.00
CA SER A 112 3.40 11.10 8.34
C SER A 112 4.43 10.00 8.91
N TRP A 113 5.55 10.38 9.52
CA TRP A 113 6.40 9.41 10.22
C TRP A 113 5.80 9.11 11.58
N ALA A 114 5.30 10.14 12.27
CA ALA A 114 4.70 9.91 13.59
C ALA A 114 3.45 9.03 13.51
N ASP A 115 2.71 9.12 12.40
CA ASP A 115 1.54 8.25 12.17
C ASP A 115 1.88 6.80 12.25
N VAL A 116 3.05 6.44 11.71
CA VAL A 116 3.36 4.98 11.57
C VAL A 116 4.17 4.30 12.71
N ALA A 117 4.86 5.11 13.51
CA ALA A 117 5.83 4.56 14.48
C ALA A 117 5.75 5.40 15.75
N LYS A 118 6.22 4.87 16.88
CA LYS A 118 6.13 5.57 18.21
C LYS A 118 7.19 6.62 18.43
N VAL A 119 7.13 7.60 17.56
CA VAL A 119 8.02 8.74 17.57
C VAL A 119 7.10 9.94 17.52
N THR A 120 7.43 10.97 18.29
CA THR A 120 6.64 12.20 18.28
C THR A 120 7.56 13.37 18.13
N PHE A 121 7.03 14.43 17.54
CA PHE A 121 7.89 15.61 17.17
C PHE A 121 7.21 16.88 17.65
N THR A 122 7.89 17.71 18.40
CA THR A 122 7.31 18.93 18.92
C THR A 122 8.28 20.08 18.63
N GLU A 123 7.82 21.12 17.94
CA GLU A 123 8.70 22.24 17.61
C GLU A 123 9.16 22.97 18.88
N GLY A 124 10.45 23.23 18.97
CA GLY A 124 11.00 23.89 20.15
C GLY A 124 12.47 23.52 20.22
N PRO A 125 13.24 24.29 20.99
CA PRO A 125 14.68 24.13 21.21
C PRO A 125 14.92 22.89 22.03
N ALA A 126 16.14 22.40 22.04
CA ALA A 126 16.56 21.23 22.84
C ALA A 126 16.27 21.48 24.34
N ALA A 127 15.79 20.45 25.08
CA ALA A 127 15.32 20.61 26.46
C ALA A 127 15.52 19.32 27.22
N ARG A 128 15.62 19.45 28.54
CA ARG A 128 15.93 18.33 29.39
C ARG A 128 15.10 17.07 29.11
N GLY A 129 13.79 17.18 28.98
CA GLY A 129 13.00 15.95 28.77
C GLY A 129 13.00 15.28 27.38
N ASP A 130 13.65 15.91 26.41
CA ASP A 130 13.75 15.40 25.02
C ASP A 130 14.58 14.12 24.90
N ASP A 131 14.15 13.19 24.06
CA ASP A 131 15.02 12.09 23.69
C ASP A 131 16.05 12.57 22.71
N GLY A 132 15.72 13.62 21.98
CA GLY A 132 16.55 14.07 20.90
C GLY A 132 16.04 15.37 20.34
N HIS A 133 16.91 16.03 19.57
CA HIS A 133 16.59 17.29 18.94
C HIS A 133 17.00 17.30 17.50
N MET A 134 16.16 17.89 16.66
CA MET A 134 16.39 17.99 15.21
C MET A 134 16.44 19.48 14.77
N THR A 135 17.10 19.74 13.66
CA THR A 135 17.16 21.04 13.06
C THR A 135 16.94 20.97 11.56
N PHE A 136 16.31 21.99 11.01
CA PHE A 136 16.07 22.12 9.59
C PHE A 136 16.58 23.48 9.09
N ALA A 137 17.32 23.48 8.01
CA ALA A 137 17.75 24.72 7.38
C ALA A 137 18.17 24.55 5.91
N ASN A 138 18.40 25.66 5.23
CA ASN A 138 18.82 25.62 3.83
C ASN A 138 20.26 25.96 3.70
N PHE A 139 20.89 25.45 2.65
CA PHE A 139 22.27 25.84 2.28
C PHE A 139 22.29 26.11 0.76
N SER A 140 23.36 26.74 0.29
CA SER A 140 23.36 27.13 -1.13
C SER A 140 24.47 26.50 -2.01
N ALA A 141 25.44 25.81 -1.40
CA ALA A 141 26.52 25.19 -2.20
C ALA A 141 26.13 23.87 -2.81
N SER A 142 25.99 23.87 -4.13
CA SER A 142 25.53 22.71 -4.93
C SER A 142 26.32 21.44 -4.63
N ASN A 143 27.60 21.60 -4.30
CA ASN A 143 28.45 20.48 -3.96
C ASN A 143 27.80 19.54 -2.94
N GLY A 144 26.94 20.10 -2.11
CA GLY A 144 26.24 19.29 -1.08
C GLY A 144 25.10 18.39 -1.55
N GLY A 145 24.81 18.31 -2.86
CA GLY A 145 23.65 17.54 -3.38
C GLY A 145 22.35 18.28 -3.07
N ALA A 146 21.20 17.65 -3.35
CA ALA A 146 19.86 18.32 -3.14
C ALA A 146 19.47 18.54 -1.68
N ALA A 147 19.89 17.60 -0.85
CA ALA A 147 19.66 17.62 0.58
C ALA A 147 20.58 16.62 1.24
N PHE A 148 20.74 16.73 2.53
CA PHE A 148 21.47 15.75 3.27
C PHE A 148 21.06 15.77 4.73
N ALA A 149 21.34 14.71 5.44
CA ALA A 149 20.93 14.56 6.83
C ALA A 149 21.86 13.63 7.60
N TYR A 150 21.78 13.59 8.90
CA TYR A 150 22.70 12.72 9.66
C TYR A 150 21.88 11.73 10.49
N LEU A 151 22.45 10.58 10.79
CA LEU A 151 21.77 9.53 11.62
C LEU A 151 21.93 9.75 13.12
N PRO A 152 21.09 9.09 13.95
CA PRO A 152 21.01 9.48 15.32
C PRO A 152 22.27 9.10 16.14
N ASN A 153 23.14 8.27 15.60
CA ASN A 153 24.36 7.98 16.33
C ASN A 153 25.51 8.94 15.92
N SER A 154 25.25 9.99 15.14
CA SER A 154 26.34 10.91 14.82
C SER A 154 26.44 12.15 15.72
N SER A 155 27.56 12.85 15.61
CA SER A 155 27.74 14.07 16.39
C SER A 155 26.83 15.17 15.86
N ARG A 156 26.45 15.07 14.59
CA ARG A 156 25.42 16.01 14.07
C ARG A 156 24.01 15.38 13.97
N LYS A 157 23.71 14.47 14.91
CA LYS A 157 22.42 13.82 14.95
C LYS A 157 21.26 14.85 14.98
N GLY A 158 20.17 14.53 14.29
CA GLY A 158 19.02 15.47 14.18
C GLY A 158 19.05 16.47 13.05
N GLU A 159 20.23 16.76 12.52
CA GLU A 159 20.32 17.81 11.54
C GLU A 159 19.88 17.31 10.18
N SER A 160 19.06 18.06 9.49
CA SER A 160 18.90 17.93 8.06
C SER A 160 19.00 19.28 7.32
N TRP A 161 19.47 19.20 6.10
CA TRP A 161 19.84 20.34 5.31
C TRP A 161 19.36 20.24 3.90
N TYR A 162 18.91 21.36 3.36
CA TYR A 162 18.19 21.44 2.10
C TYR A 162 18.76 22.48 1.12
N LEU A 163 19.06 22.06 -0.10
CA LEU A 163 19.76 22.95 -1.06
C LEU A 163 18.77 23.95 -1.64
N ILE A 164 19.11 25.24 -1.54
CA ILE A 164 18.43 26.24 -2.29
C ILE A 164 19.46 27.17 -2.94
N ASN A 165 19.45 27.24 -4.26
CA ASN A 165 20.29 28.21 -4.98
C ASN A 165 19.74 28.51 -6.37
N LYS A 166 20.48 29.25 -7.19
CA LYS A 166 19.91 29.68 -8.48
C LYS A 166 19.71 28.55 -9.47
N ASP A 167 20.38 27.44 -9.26
CA ASP A 167 20.29 26.31 -10.15
C ASP A 167 19.29 25.27 -9.72
N TYR A 168 18.79 25.34 -8.49
CA TYR A 168 18.03 24.23 -7.96
C TYR A 168 16.98 24.82 -7.05
N ASP A 169 15.74 24.88 -7.51
CA ASP A 169 14.64 25.44 -6.70
C ASP A 169 13.59 24.47 -6.17
N VAL A 170 13.79 23.18 -6.40
CA VAL A 170 12.84 22.17 -5.98
C VAL A 170 12.47 22.32 -4.50
N ASN A 171 13.44 22.61 -3.66
CA ASN A 171 13.19 22.71 -2.25
C ASN A 171 12.45 23.97 -1.88
N LYS A 172 12.40 24.93 -2.78
CA LYS A 172 11.62 26.12 -2.42
C LYS A 172 10.13 25.80 -2.43
N THR A 173 9.70 24.85 -3.26
CA THR A 173 8.25 24.69 -3.39
C THR A 173 7.79 23.22 -3.11
N PRO A 174 8.06 22.70 -1.87
CA PRO A 174 7.51 21.37 -1.57
C PRO A 174 5.95 21.41 -1.54
N GLY A 175 5.32 20.34 -2.02
CA GLY A 175 3.85 20.23 -2.06
C GLY A 175 3.60 18.73 -2.23
N GLU A 176 2.47 18.26 -1.71
CA GLU A 176 2.12 16.84 -1.82
C GLU A 176 2.26 16.36 -3.27
N GLY A 177 2.89 15.20 -3.43
CA GLY A 177 3.09 14.64 -4.76
C GLY A 177 4.35 15.08 -5.47
N ASN A 178 5.02 16.14 -4.98
CA ASN A 178 6.23 16.66 -5.70
C ASN A 178 7.57 16.28 -5.01
N TYR A 179 8.69 16.58 -5.65
CA TYR A 179 9.99 16.12 -5.19
C TYR A 179 10.44 16.86 -3.96
N GLY A 180 9.96 18.08 -3.77
CA GLY A 180 10.34 18.86 -2.59
C GLY A 180 9.77 18.17 -1.39
N ARG A 181 8.57 17.63 -1.54
CA ARG A 181 7.89 17.09 -0.37
C ARG A 181 8.52 15.74 -0.03
N GLN A 182 8.82 14.95 -1.05
CA GLN A 182 9.43 13.64 -0.75
C GLN A 182 10.80 13.85 -0.15
N THR A 183 11.50 14.88 -0.61
CA THR A 183 12.87 15.12 -0.06
C THR A 183 12.78 15.39 1.42
N LEU A 184 11.78 16.16 1.84
CA LEU A 184 11.67 16.27 3.29
C LEU A 184 11.41 14.95 3.99
N THR A 185 10.50 14.17 3.44
CA THR A 185 10.16 12.89 4.12
C THR A 185 11.41 11.98 4.15
N HIS A 186 12.15 12.02 3.06
CA HIS A 186 13.40 11.22 2.87
C HIS A 186 14.43 11.64 3.85
N GLU A 187 14.66 12.94 3.98
CA GLU A 187 15.79 13.32 4.86
C GLU A 187 15.45 13.10 6.34
N ILE A 188 14.18 13.28 6.67
CA ILE A 188 13.69 12.97 8.03
C ILE A 188 13.87 11.46 8.32
N GLY A 189 13.56 10.61 7.32
CA GLY A 189 13.86 9.19 7.37
C GLY A 189 15.32 8.98 7.82
N HIS A 190 16.32 9.66 7.19
CA HIS A 190 17.72 9.55 7.68
C HIS A 190 17.88 9.93 9.14
N THR A 191 17.23 11.03 9.53
CA THR A 191 17.42 11.48 10.91
C THR A 191 16.92 10.44 11.89
N LEU A 192 15.92 9.67 11.46
CA LEU A 192 15.34 8.62 12.29
C LEU A 192 16.24 7.37 12.30
N GLY A 193 17.24 7.31 11.42
CA GLY A 193 18.11 6.07 11.40
C GLY A 193 18.10 5.24 10.13
N LEU A 194 17.41 5.71 9.08
CA LEU A 194 17.31 5.01 7.82
C LEU A 194 18.44 5.33 6.91
N SER A 195 18.92 4.31 6.21
CA SER A 195 19.98 4.47 5.21
C SER A 195 19.27 4.58 3.81
N HIS A 196 20.07 4.75 2.76
CA HIS A 196 19.62 4.46 1.41
C HIS A 196 19.71 2.97 1.17
N PRO A 197 18.74 2.42 0.44
CA PRO A 197 18.68 0.98 0.18
C PRO A 197 20.05 0.39 -0.13
N GLY A 198 20.97 1.22 -0.61
CA GLY A 198 22.28 0.75 -0.96
C GLY A 198 23.37 1.76 -0.73
N ASP A 199 24.61 1.32 -0.82
CA ASP A 199 25.73 2.18 -0.57
C ASP A 199 26.00 3.09 -1.74
N TYR A 200 25.74 2.61 -2.93
CA TYR A 200 25.84 3.41 -4.15
C TYR A 200 27.25 3.94 -4.42
N ASN A 206 27.08 9.38 -12.30
CA ASN A 206 27.75 8.70 -11.21
C ASN A 206 26.91 7.51 -10.68
N PRO A 207 26.41 7.53 -9.40
CA PRO A 207 25.66 6.31 -9.05
C PRO A 207 24.28 6.27 -9.77
N SER A 208 23.86 5.08 -10.20
CA SER A 208 22.57 4.80 -10.85
C SER A 208 21.91 3.55 -10.21
N TYR A 209 20.72 3.23 -10.71
CA TYR A 209 20.00 2.04 -10.30
C TYR A 209 20.88 0.77 -10.53
N ARG A 210 21.72 0.80 -11.56
CA ARG A 210 22.66 -0.32 -11.78
C ARG A 210 23.55 -0.65 -10.56
N ASP A 211 23.82 0.35 -9.71
CA ASP A 211 24.51 0.06 -8.44
C ASP A 211 23.62 -0.50 -7.31
N ALA A 212 22.31 -0.62 -7.49
CA ALA A 212 21.45 -1.12 -6.39
C ALA A 212 21.77 -2.58 -5.99
N VAL A 213 21.71 -2.86 -4.68
CA VAL A 213 22.01 -4.18 -4.14
C VAL A 213 20.85 -5.14 -4.35
N TYR A 214 19.63 -4.64 -4.33
CA TYR A 214 18.50 -5.54 -4.54
C TYR A 214 17.52 -4.89 -5.51
N GLY A 215 16.65 -5.70 -6.14
CA GLY A 215 15.89 -5.16 -7.32
C GLY A 215 14.88 -4.06 -6.89
N GLU A 216 14.33 -4.17 -5.65
CA GLU A 216 13.26 -3.27 -5.15
C GLU A 216 13.75 -1.95 -4.60
N ASP A 217 15.00 -1.58 -4.94
CA ASP A 217 15.52 -0.26 -4.57
C ASP A 217 14.95 0.71 -5.59
N THR A 218 13.67 1.08 -5.45
CA THR A 218 13.16 2.21 -6.29
C THR A 218 12.13 2.94 -5.50
N ARG A 219 11.68 4.07 -6.03
CA ARG A 219 10.75 4.95 -5.35
C ARG A 219 9.33 4.40 -5.38
N ALA A 220 9.12 3.21 -5.89
CA ALA A 220 7.83 2.55 -5.65
C ALA A 220 7.79 1.87 -4.28
N TYR A 221 8.96 1.53 -3.72
CA TYR A 221 9.06 0.71 -2.44
C TYR A 221 9.48 1.51 -1.24
N SER A 222 10.34 2.53 -1.47
CA SER A 222 10.89 3.31 -0.38
C SER A 222 11.10 4.76 -0.82
N VAL A 223 10.65 5.73 0.00
CA VAL A 223 11.10 7.13 -0.24
C VAL A 223 12.61 7.32 -0.03
N MET A 224 13.28 6.34 0.60
CA MET A 224 14.75 6.40 0.73
C MET A 224 15.53 6.10 -0.56
N SER A 225 14.89 5.45 -1.55
CA SER A 225 15.54 5.27 -2.86
C SER A 225 15.58 6.58 -3.64
N TYR A 226 16.59 6.70 -4.50
CA TYR A 226 16.56 7.75 -5.53
C TYR A 226 16.08 7.27 -6.89
N TRP A 227 15.93 5.96 -7.08
CA TRP A 227 15.76 5.49 -8.45
C TRP A 227 14.34 5.45 -8.86
N SER A 228 14.14 5.78 -10.14
CA SER A 228 12.76 5.87 -10.61
C SER A 228 12.08 4.51 -10.48
N GLU A 229 10.81 4.55 -10.14
CA GLU A 229 9.96 3.36 -10.15
C GLU A 229 9.95 2.71 -11.53
N LYS A 230 10.28 3.49 -12.54
CA LYS A 230 10.30 2.89 -13.90
C LYS A 230 11.30 1.69 -13.96
N ASN A 231 12.32 1.70 -13.09
CA ASN A 231 13.23 0.54 -13.07
C ASN A 231 12.58 -0.77 -12.81
N THR A 232 11.53 -0.76 -12.01
CA THR A 232 10.88 -1.95 -11.58
C THR A 232 9.51 -2.08 -12.26
N GLY A 233 9.38 -1.40 -13.39
CA GLY A 233 8.17 -1.51 -14.19
C GLY A 233 6.92 -0.75 -13.75
N GLN A 234 6.89 -0.14 -12.57
CA GLN A 234 5.66 0.65 -12.23
C GLN A 234 5.49 1.85 -13.15
N VAL A 235 4.24 2.24 -13.38
CA VAL A 235 3.93 3.42 -14.15
C VAL A 235 3.17 4.46 -13.29
N PHE A 236 3.84 5.57 -12.95
CA PHE A 236 3.25 6.67 -12.17
C PHE A 236 3.03 7.86 -13.16
N THR A 237 3.95 8.04 -14.09
CA THR A 237 3.85 9.16 -15.06
C THR A 237 4.35 8.65 -16.37
N LYS A 238 4.11 9.42 -17.42
CA LYS A 238 4.63 9.06 -18.74
C LYS A 238 6.15 9.06 -18.78
N THR A 239 6.82 9.86 -17.94
CA THR A 239 8.30 9.97 -18.05
C THR A 239 9.08 9.07 -17.04
N GLY A 240 8.44 8.60 -15.97
CA GLY A 240 9.14 7.92 -14.88
C GLY A 240 9.70 8.91 -13.84
N GLU A 241 9.35 10.20 -14.00
CA GLU A 241 9.48 11.34 -13.02
C GLU A 241 8.18 12.15 -13.30
N GLY A 242 7.76 13.19 -12.60
CA GLY A 242 7.98 13.66 -11.29
C GLY A 242 6.56 13.61 -10.69
N ALA A 243 6.18 12.41 -10.32
CA ALA A 243 5.16 12.16 -9.38
C ALA A 243 5.86 11.35 -8.30
N TYR A 244 5.72 11.74 -7.04
CA TYR A 244 6.46 11.15 -5.96
C TYR A 244 5.63 10.90 -4.70
N ALA A 245 5.83 9.80 -4.01
CA ALA A 245 5.11 9.58 -2.77
C ALA A 245 5.47 10.66 -1.74
N SER A 246 4.47 11.18 -1.03
CA SER A 246 4.77 12.20 -0.05
C SER A 246 5.12 11.62 1.30
N ALA A 247 4.65 10.40 1.56
CA ALA A 247 4.77 9.81 2.89
C ALA A 247 5.48 8.47 2.78
N PRO A 248 5.90 7.89 3.94
CA PRO A 248 6.68 6.66 3.95
C PRO A 248 5.95 5.57 3.16
N LEU A 249 6.71 4.81 2.39
CA LEU A 249 6.15 3.78 1.51
C LEU A 249 6.36 2.44 2.20
N LEU A 250 5.99 1.36 1.55
CA LEU A 250 5.85 0.06 2.27
C LEU A 250 7.11 -0.38 3.10
N ASP A 251 8.27 -0.38 2.48
CA ASP A 251 9.52 -0.75 3.14
C ASP A 251 9.95 0.23 4.24
N ASP A 252 9.73 1.54 4.04
CA ASP A 252 10.00 2.58 5.05
C ASP A 252 9.19 2.33 6.30
N ILE A 253 7.89 2.06 6.11
CA ILE A 253 7.02 1.77 7.26
C ILE A 253 7.60 0.62 8.10
N ALA A 254 7.91 -0.50 7.43
CA ALA A 254 8.43 -1.65 8.14
C ALA A 254 9.77 -1.33 8.84
N ALA A 255 10.59 -0.47 8.20
CA ALA A 255 11.98 -0.20 8.72
C ALA A 255 11.84 0.64 9.97
N VAL A 256 11.06 1.70 9.89
CA VAL A 256 10.87 2.52 11.04
C VAL A 256 10.10 1.84 12.19
N GLN A 257 9.14 1.00 11.90
CA GLN A 257 8.48 0.24 12.95
C GLN A 257 9.39 -0.79 13.60
N LYS A 258 10.34 -1.34 12.85
CA LYS A 258 11.39 -2.23 13.41
C LYS A 258 12.23 -1.49 14.49
N LEU A 259 12.57 -0.23 14.24
CA LEU A 259 13.32 0.57 15.22
C LEU A 259 12.49 1.02 16.45
N TYR A 260 11.28 1.51 16.19
CA TYR A 260 10.53 2.19 17.27
C TYR A 260 9.18 1.60 17.71
N GLY A 261 8.72 0.54 17.05
CA GLY A 261 7.38 -0.03 17.34
C GLY A 261 6.33 0.65 16.42
N ALA A 262 5.25 -0.04 16.15
CA ALA A 262 4.15 0.44 15.31
C ALA A 262 3.24 1.38 16.15
N ASN A 263 2.81 2.51 15.57
CA ASN A 263 1.85 3.36 16.21
C ASN A 263 0.47 2.82 15.92
N MET A 264 -0.07 1.98 16.80
CA MET A 264 -1.38 1.32 16.59
C MET A 264 -2.58 2.24 16.89
N GLU A 265 -2.34 3.46 17.40
CA GLU A 265 -3.44 4.37 17.69
C GLU A 265 -3.92 5.11 16.45
N THR A 266 -3.08 5.11 15.43
CA THR A 266 -3.38 5.85 14.20
C THR A 266 -4.54 5.24 13.43
N ARG A 267 -5.53 6.05 13.08
CA ARG A 267 -6.62 5.58 12.22
C ARG A 267 -7.26 4.26 12.71
N ALA A 268 -7.36 4.12 14.03
CA ALA A 268 -7.74 2.85 14.64
C ALA A 268 -9.30 2.60 14.61
N GLY A 269 -10.06 3.62 14.24
CA GLY A 269 -11.51 3.47 14.03
C GLY A 269 -11.69 3.10 12.53
N ASP A 270 -12.93 3.06 12.07
CA ASP A 270 -13.20 2.76 10.66
C ASP A 270 -12.65 3.89 9.82
N THR A 271 -11.91 3.59 8.75
CA THR A 271 -11.24 4.63 7.94
C THR A 271 -11.45 4.31 6.49
N VAL A 272 -11.73 5.33 5.73
CA VAL A 272 -11.83 5.22 4.27
C VAL A 272 -10.62 5.93 3.62
N TYR A 273 -9.97 5.28 2.64
CA TYR A 273 -8.84 5.82 1.92
C TYR A 273 -9.23 6.02 0.49
N GLY A 274 -8.75 7.10 -0.12
CA GLY A 274 -9.13 7.38 -1.49
C GLY A 274 -10.19 8.45 -1.66
N PHE A 275 -11.23 8.16 -2.46
CA PHE A 275 -12.38 9.08 -2.56
C PHE A 275 -13.14 8.98 -1.26
N ASN A 276 -13.84 10.06 -0.90
CA ASN A 276 -14.61 10.06 0.34
C ASN A 276 -13.74 9.75 1.54
N SER A 277 -12.45 10.04 1.44
CA SER A 277 -11.49 9.77 2.54
C SER A 277 -11.87 10.28 3.97
N THR A 278 -11.71 9.45 5.00
CA THR A 278 -11.72 9.97 6.33
C THR A 278 -10.35 9.82 6.98
N ALA A 279 -9.30 9.63 6.20
CA ALA A 279 -7.92 9.44 6.74
C ALA A 279 -7.25 10.80 7.14
N ASP A 280 -7.69 11.88 6.53
CA ASP A 280 -7.31 13.29 6.89
C ASP A 280 -5.85 13.54 6.61
N ARG A 281 -5.39 12.99 5.47
CA ARG A 281 -4.05 13.23 4.97
C ARG A 281 -4.14 13.50 3.55
N ASP A 282 -3.43 14.54 3.15
CA ASP A 282 -3.44 14.94 1.75
C ASP A 282 -3.01 13.78 0.83
N TYR A 283 -2.04 12.96 1.24
CA TYR A 283 -1.60 11.90 0.29
C TYR A 283 -2.57 10.67 0.22
N TYR A 284 -3.50 10.59 1.13
CA TYR A 284 -4.50 9.50 1.09
C TYR A 284 -5.83 9.91 0.49
N SER A 285 -5.93 11.17 0.12
CA SER A 285 -7.21 11.75 -0.35
C SER A 285 -7.26 11.95 -1.85
N ALA A 286 -8.30 11.41 -2.50
CA ALA A 286 -8.52 11.62 -3.93
C ALA A 286 -9.78 12.44 -4.01
N THR A 287 -9.82 13.44 -4.90
CA THR A 287 -11.06 14.12 -5.08
C THR A 287 -11.42 14.21 -6.57
N SER A 288 -10.52 13.78 -7.46
CA SER A 288 -10.80 14.07 -8.86
C SER A 288 -10.40 12.83 -9.65
N ALA A 289 -11.09 12.61 -10.77
CA ALA A 289 -10.79 11.45 -11.63
C ALA A 289 -9.31 11.50 -12.12
N THR A 290 -8.69 12.68 -12.05
CA THR A 290 -7.29 12.84 -12.55
C THR A 290 -6.25 12.78 -11.43
N ASP A 291 -6.66 12.63 -10.18
CA ASP A 291 -5.67 12.56 -9.08
C ASP A 291 -4.67 11.40 -9.23
N LYS A 292 -3.42 11.65 -8.90
CA LYS A 292 -2.36 10.63 -8.95
C LYS A 292 -2.08 10.25 -7.52
N LEU A 293 -2.35 9.00 -7.15
CA LEU A 293 -2.17 8.55 -5.77
C LEU A 293 -0.90 7.73 -5.69
N ILE A 294 -0.06 7.98 -4.68
CA ILE A 294 1.09 7.11 -4.44
C ILE A 294 1.21 7.03 -2.93
N PHE A 295 0.83 5.90 -2.37
CA PHE A 295 0.82 5.79 -0.90
C PHE A 295 0.86 4.32 -0.48
N SER A 296 1.31 4.08 0.77
CA SER A 296 1.22 2.82 1.42
C SER A 296 0.38 3.00 2.65
N VAL A 297 -0.68 2.19 2.78
CA VAL A 297 -1.63 2.38 3.90
C VAL A 297 -1.08 1.86 5.23
N TRP A 298 -0.94 2.74 6.22
CA TRP A 298 -0.79 2.33 7.61
C TRP A 298 -2.07 2.65 8.37
N ASP A 299 -2.58 1.65 9.09
CA ASP A 299 -3.89 1.76 9.74
C ASP A 299 -3.88 0.86 10.96
N GLY A 300 -4.35 1.39 12.07
CA GLY A 300 -4.20 0.66 13.29
C GLY A 300 -5.33 -0.25 13.74
N GLY A 301 -6.46 -0.25 13.03
CA GLY A 301 -7.65 -1.02 13.45
C GLY A 301 -8.96 -0.53 12.82
N GLY A 302 -10.03 -1.28 13.06
CA GLY A 302 -11.36 -0.84 12.60
C GLY A 302 -11.74 -1.43 11.26
N ASN A 303 -12.92 -1.12 10.76
CA ASN A 303 -13.41 -1.68 9.52
C ASN A 303 -13.16 -0.65 8.42
N ASP A 304 -12.18 -0.94 7.59
CA ASP A 304 -11.61 0.07 6.68
C ASP A 304 -11.89 -0.19 5.20
N THR A 305 -11.89 0.85 4.41
CA THR A 305 -12.21 0.71 2.96
C THR A 305 -11.19 1.42 2.09
N LEU A 306 -10.74 0.77 1.00
CA LEU A 306 -10.16 1.51 -0.12
C LEU A 306 -11.25 1.88 -1.13
N ASP A 307 -11.58 3.18 -1.25
CA ASP A 307 -12.68 3.64 -2.12
C ASP A 307 -12.06 4.30 -3.34
N PHE A 308 -12.05 3.57 -4.44
CA PHE A 308 -11.44 4.01 -5.70
C PHE A 308 -12.54 4.24 -6.77
N SER A 309 -13.73 4.62 -6.26
CA SER A 309 -14.95 4.64 -7.05
C SER A 309 -14.93 5.82 -8.00
N GLY A 310 -14.06 6.81 -7.71
CA GLY A 310 -14.02 8.03 -8.56
C GLY A 310 -13.21 7.92 -9.85
N PHE A 311 -12.54 6.80 -10.11
CA PHE A 311 -11.72 6.66 -11.33
C PHE A 311 -12.42 5.91 -12.42
N SER A 312 -12.07 6.20 -13.66
CA SER A 312 -12.68 5.45 -14.76
C SER A 312 -11.75 4.44 -15.42
N GLN A 313 -10.43 4.49 -15.12
CA GLN A 313 -9.49 3.54 -15.78
C GLN A 313 -9.70 2.15 -15.14
N ASN A 314 -9.26 1.11 -15.85
CA ASN A 314 -9.24 -0.26 -15.31
C ASN A 314 -8.27 -0.29 -14.10
N GLN A 315 -8.72 -0.87 -12.98
CA GLN A 315 -7.93 -0.95 -11.73
C GLN A 315 -7.73 -2.37 -11.30
N LYS A 316 -6.70 -2.59 -10.48
CA LYS A 316 -6.49 -3.87 -9.87
C LYS A 316 -6.19 -3.60 -8.45
N ILE A 317 -7.08 -4.04 -7.56
CA ILE A 317 -6.96 -3.68 -6.17
C ILE A 317 -6.78 -4.91 -5.32
N ASN A 318 -5.71 -4.93 -4.51
CA ASN A 318 -5.36 -6.09 -3.71
C ASN A 318 -5.38 -5.70 -2.24
N LEU A 319 -6.17 -6.41 -1.45
CA LEU A 319 -6.34 -6.10 -0.04
C LEU A 319 -5.41 -6.92 0.84
N ALA A 320 -4.59 -7.76 0.25
CA ALA A 320 -3.57 -8.47 1.05
C ALA A 320 -2.59 -7.47 1.73
N ALA A 321 -2.23 -7.68 3.01
CA ALA A 321 -1.22 -6.86 3.67
C ALA A 321 0.07 -7.02 2.90
N GLY A 322 0.84 -5.95 2.75
CA GLY A 322 2.08 -6.06 1.99
C GLY A 322 1.95 -6.03 0.47
N SER A 323 0.75 -6.01 -0.09
CA SER A 323 0.57 -6.11 -1.51
C SER A 323 0.39 -4.78 -2.18
N PHE A 324 0.58 -4.80 -3.49
CA PHE A 324 0.44 -3.65 -4.35
C PHE A 324 -0.83 -3.68 -5.23
N SER A 325 -1.33 -2.51 -5.57
CA SER A 325 -2.45 -2.32 -6.47
C SER A 325 -2.12 -1.31 -7.57
N ASP A 326 -2.84 -1.38 -8.67
CA ASP A 326 -2.67 -0.42 -9.79
C ASP A 326 -3.91 0.45 -9.75
N VAL A 327 -3.73 1.70 -9.36
CA VAL A 327 -4.88 2.55 -9.00
C VAL A 327 -4.85 3.78 -9.86
N GLY A 328 -6.05 4.12 -10.30
CA GLY A 328 -6.36 5.36 -10.98
C GLY A 328 -5.60 5.53 -12.28
N GLY A 329 -5.36 4.45 -13.03
CA GLY A 329 -4.67 4.62 -14.29
C GLY A 329 -3.18 4.39 -14.14
N MET A 330 -2.67 4.31 -12.92
CA MET A 330 -1.25 4.05 -12.69
C MET A 330 -1.04 2.56 -12.34
N THR A 331 0.20 2.07 -12.18
CA THR A 331 0.40 0.69 -11.71
C THR A 331 1.40 0.64 -10.53
N GLY A 332 1.13 -0.19 -9.54
CA GLY A 332 2.12 -0.40 -8.45
C GLY A 332 2.22 0.78 -7.52
N ASN A 333 1.17 1.62 -7.55
CA ASN A 333 1.13 2.91 -6.85
C ASN A 333 0.46 2.94 -5.46
N VAL A 334 -0.26 1.89 -5.10
CA VAL A 334 -0.91 1.90 -3.81
C VAL A 334 -0.49 0.61 -3.19
N SER A 335 -0.21 0.57 -1.88
CA SER A 335 0.09 -0.72 -1.20
C SER A 335 -0.49 -0.64 0.16
N ILE A 336 -0.53 -1.79 0.86
CA ILE A 336 -0.95 -1.83 2.21
C ILE A 336 0.21 -2.31 3.07
N ALA A 337 0.47 -1.67 4.21
CA ALA A 337 1.69 -1.96 5.00
C ALA A 337 1.56 -3.37 5.55
N GLN A 338 2.69 -4.01 5.83
CA GLN A 338 2.64 -5.22 6.61
C GLN A 338 1.96 -4.97 7.90
N GLY A 339 1.24 -5.99 8.35
CA GLY A 339 0.69 -5.91 9.66
C GLY A 339 -0.64 -5.16 9.56
N VAL A 340 -1.15 -4.82 8.36
CA VAL A 340 -2.45 -4.08 8.34
C VAL A 340 -3.56 -4.92 7.71
N THR A 341 -4.75 -4.97 8.36
CA THR A 341 -5.92 -5.54 7.72
C THR A 341 -6.94 -4.50 7.28
N ILE A 342 -7.06 -4.41 5.96
CA ILE A 342 -8.05 -3.52 5.32
C ILE A 342 -9.17 -4.45 4.79
N GLU A 343 -10.42 -4.15 5.20
CA GLU A 343 -11.54 -5.10 4.93
C GLU A 343 -12.27 -4.98 3.59
N ASN A 344 -12.40 -3.77 3.07
CA ASN A 344 -13.31 -3.51 1.94
C ASN A 344 -12.61 -2.78 0.84
N ALA A 345 -13.07 -2.95 -0.40
CA ALA A 345 -12.54 -2.25 -1.55
C ALA A 345 -13.71 -1.91 -2.50
N ILE A 346 -13.68 -0.72 -3.09
CA ILE A 346 -14.65 -0.32 -4.10
C ILE A 346 -13.97 0.05 -5.39
N GLY A 347 -14.34 -0.58 -6.49
CA GLY A 347 -13.70 -0.23 -7.75
C GLY A 347 -14.38 1.00 -8.37
N GLY A 348 -13.96 1.37 -9.56
CA GLY A 348 -14.56 2.49 -10.30
C GLY A 348 -15.34 2.02 -11.50
N SER A 349 -15.58 2.91 -12.45
CA SER A 349 -16.42 2.56 -13.61
C SER A 349 -15.64 1.71 -14.61
N GLY A 350 -14.37 1.47 -14.35
CA GLY A 350 -13.62 0.66 -15.30
C GLY A 350 -13.86 -0.83 -15.04
N ASN A 351 -13.25 -1.67 -15.93
CA ASN A 351 -13.19 -3.16 -15.78
C ASN A 351 -12.10 -3.60 -14.80
N ASP A 352 -12.49 -3.90 -13.53
CA ASP A 352 -11.51 -3.99 -12.43
C ASP A 352 -11.24 -5.40 -11.96
N LEU A 353 -10.10 -5.64 -11.29
CA LEU A 353 -9.90 -6.80 -10.44
C LEU A 353 -9.88 -6.37 -9.02
N LEU A 354 -10.67 -7.02 -8.17
CA LEU A 354 -10.66 -6.71 -6.76
C LEU A 354 -10.35 -8.02 -6.06
N LEU A 355 -9.28 -8.02 -5.30
CA LEU A 355 -8.87 -9.20 -4.56
C LEU A 355 -8.98 -8.94 -3.09
N GLY A 356 -9.68 -9.85 -2.37
CA GLY A 356 -9.84 -9.73 -0.91
C GLY A 356 -8.67 -10.37 -0.18
N ASN A 357 -8.83 -10.58 1.12
CA ASN A 357 -7.81 -11.21 1.93
C ASN A 357 -8.42 -12.36 2.70
N ALA A 358 -7.77 -12.76 3.79
CA ALA A 358 -8.36 -13.81 4.64
C ALA A 358 -9.56 -13.39 5.47
N ALA A 359 -9.72 -12.08 5.71
CA ALA A 359 -10.86 -11.55 6.45
C ALA A 359 -12.11 -11.54 5.60
N SER A 360 -13.27 -11.33 6.25
CA SER A 360 -14.52 -11.03 5.52
C SER A 360 -14.44 -9.71 4.90
N ASN A 361 -14.51 -9.67 3.58
CA ASN A 361 -14.39 -8.44 2.84
C ASN A 361 -15.68 -8.04 2.28
N ILE A 362 -15.89 -6.73 2.16
CA ILE A 362 -16.86 -6.21 1.23
C ILE A 362 -16.14 -5.75 -0.02
N LEU A 363 -16.43 -6.36 -1.16
CA LEU A 363 -15.83 -5.96 -2.43
C LEU A 363 -16.96 -5.46 -3.33
N LYS A 364 -16.75 -4.31 -3.95
CA LYS A 364 -17.80 -3.64 -4.73
C LYS A 364 -17.23 -3.23 -6.05
N GLY A 365 -17.64 -3.88 -7.13
CA GLY A 365 -16.95 -3.67 -8.42
C GLY A 365 -17.38 -2.42 -9.09
N GLY A 366 -18.63 -1.98 -8.84
CA GLY A 366 -19.04 -0.73 -9.50
C GLY A 366 -19.40 -0.96 -10.98
N ALA A 367 -19.52 0.13 -11.75
CA ALA A 367 -19.78 -0.03 -13.20
C ALA A 367 -18.60 -0.73 -13.90
N GLY A 368 -18.77 -1.08 -15.18
CA GLY A 368 -17.85 -1.92 -15.90
C GLY A 368 -17.94 -3.40 -15.50
N ASN A 369 -17.17 -4.19 -16.23
CA ASN A 369 -17.10 -5.65 -16.02
C ASN A 369 -15.99 -6.00 -15.10
N ASP A 370 -16.39 -6.44 -13.91
CA ASP A 370 -15.40 -6.68 -12.89
C ASP A 370 -15.15 -8.13 -12.55
N ILE A 371 -13.94 -8.41 -12.02
CA ILE A 371 -13.58 -9.77 -11.51
C ILE A 371 -13.27 -9.62 -10.03
N ILE A 372 -14.03 -10.30 -9.20
CA ILE A 372 -13.95 -10.22 -7.78
C ILE A 372 -13.46 -11.54 -7.21
N TYR A 373 -12.45 -11.50 -6.35
CA TYR A 373 -11.95 -12.63 -5.63
C TYR A 373 -12.02 -12.38 -4.12
N GLY A 374 -12.92 -13.04 -3.45
CA GLY A 374 -13.10 -12.93 -2.02
C GLY A 374 -11.99 -13.47 -1.14
N GLY A 375 -11.40 -14.56 -1.60
CA GLY A 375 -10.42 -15.37 -0.86
C GLY A 375 -11.05 -15.96 0.38
N GLY A 376 -10.26 -16.07 1.45
CA GLY A 376 -10.67 -16.63 2.68
C GLY A 376 -11.82 -15.90 3.33
N GLY A 377 -12.61 -16.64 4.11
CA GLY A 377 -13.68 -15.99 4.88
C GLY A 377 -14.96 -15.81 4.10
N ALA A 378 -16.06 -15.56 4.84
CA ALA A 378 -17.36 -15.23 4.27
C ALA A 378 -17.35 -13.81 3.69
N ASP A 379 -17.32 -13.63 2.39
CA ASP A 379 -17.25 -12.26 1.91
C ASP A 379 -18.63 -11.90 1.36
N LYS A 380 -18.91 -10.59 1.30
CA LYS A 380 -20.07 -10.04 0.60
C LYS A 380 -19.57 -9.30 -0.60
N LEU A 381 -20.00 -9.75 -1.79
CA LEU A 381 -19.44 -9.37 -3.05
C LEU A 381 -20.52 -8.77 -3.92
N TRP A 382 -20.22 -7.56 -4.38
CA TRP A 382 -21.08 -6.80 -5.28
C TRP A 382 -20.45 -6.56 -6.61
N GLY A 383 -21.10 -7.03 -7.66
CA GLY A 383 -20.54 -6.82 -8.99
C GLY A 383 -20.86 -5.43 -9.52
N GLY A 384 -22.02 -4.91 -9.11
CA GLY A 384 -22.46 -3.60 -9.65
C GLY A 384 -23.03 -3.85 -11.06
N SER A 385 -23.22 -2.82 -11.87
CA SER A 385 -23.68 -3.09 -13.21
C SER A 385 -22.59 -3.77 -14.06
N GLY A 386 -22.91 -4.16 -15.29
CA GLY A 386 -21.96 -4.85 -16.19
C GLY A 386 -21.96 -6.37 -15.93
N SER A 387 -21.13 -7.13 -16.66
CA SER A 387 -21.00 -8.56 -16.49
C SER A 387 -19.82 -8.85 -15.58
N ASP A 388 -20.11 -9.29 -14.36
CA ASP A 388 -19.10 -9.46 -13.36
C ASP A 388 -18.83 -10.95 -13.09
N THR A 389 -17.64 -11.23 -12.66
CA THR A 389 -17.21 -12.58 -12.45
C THR A 389 -16.69 -12.72 -11.04
N PHE A 390 -17.15 -13.73 -10.34
CA PHE A 390 -16.71 -13.98 -9.00
C PHE A 390 -15.86 -15.25 -8.97
N VAL A 391 -14.60 -15.07 -8.59
CA VAL A 391 -13.55 -16.04 -8.76
C VAL A 391 -13.14 -16.78 -7.50
N TYR A 392 -13.01 -18.09 -7.63
CA TYR A 392 -12.71 -18.97 -6.53
C TYR A 392 -11.43 -19.78 -6.79
N ARG A 393 -10.53 -19.75 -5.83
CA ARG A 393 -9.23 -20.37 -5.94
C ARG A 393 -9.07 -21.63 -5.13
N GLU A 394 -9.70 -21.62 -3.98
CA GLU A 394 -9.58 -22.79 -3.08
C GLU A 394 -10.98 -23.11 -2.63
N VAL A 395 -11.25 -24.42 -2.40
CA VAL A 395 -12.52 -24.75 -1.70
C VAL A 395 -12.77 -23.84 -0.48
N SER A 396 -11.72 -23.58 0.31
CA SER A 396 -11.83 -22.84 1.57
C SER A 396 -12.30 -21.40 1.33
N ASP A 397 -12.28 -20.92 0.09
CA ASP A 397 -12.81 -19.58 -0.17
C ASP A 397 -14.26 -19.44 0.31
N SER A 398 -15.10 -20.50 0.20
CA SER A 398 -16.57 -20.34 0.47
C SER A 398 -17.15 -21.67 0.90
N THR A 399 -17.21 -21.91 2.21
CA THR A 399 -17.53 -23.22 2.74
C THR A 399 -18.86 -23.13 3.51
N PRO A 400 -19.52 -24.29 3.79
CA PRO A 400 -20.86 -24.19 4.37
C PRO A 400 -20.93 -23.40 5.67
N LYS A 401 -19.85 -23.38 6.47
CA LYS A 401 -19.89 -22.62 7.74
C LYS A 401 -19.37 -21.17 7.56
N ALA A 402 -18.95 -20.81 6.36
CA ALA A 402 -18.46 -19.47 6.12
C ALA A 402 -18.60 -19.19 4.63
N ALA A 403 -19.82 -18.90 4.20
CA ALA A 403 -20.11 -18.87 2.75
C ALA A 403 -20.15 -17.44 2.26
N ASP A 404 -19.65 -17.16 1.03
CA ASP A 404 -19.80 -15.81 0.50
C ASP A 404 -21.29 -15.56 0.23
N THR A 405 -21.65 -14.29 0.09
CA THR A 405 -22.92 -13.89 -0.44
C THR A 405 -22.68 -12.99 -1.58
N LEU A 406 -23.27 -13.34 -2.69
CA LEU A 406 -23.11 -12.54 -3.94
C LEU A 406 -24.35 -11.63 -3.94
N MET A 407 -24.16 -10.37 -3.49
CA MET A 407 -25.25 -9.53 -2.97
C MET A 407 -26.11 -8.94 -4.09
N ASP A 408 -25.60 -8.98 -5.32
CA ASP A 408 -26.32 -8.41 -6.45
C ASP A 408 -26.17 -9.27 -7.68
N PHE A 409 -26.09 -10.58 -7.48
CA PHE A 409 -25.93 -11.52 -8.58
C PHE A 409 -26.99 -11.42 -9.69
N GLN A 410 -26.55 -11.30 -10.94
CA GLN A 410 -27.53 -11.21 -12.06
C GLN A 410 -27.46 -12.49 -12.92
N THR A 411 -28.40 -13.41 -12.76
CA THR A 411 -28.36 -14.68 -13.52
C THR A 411 -28.40 -14.37 -15.02
N GLY A 412 -27.72 -15.19 -15.84
CA GLY A 412 -27.60 -14.94 -17.28
C GLY A 412 -26.72 -13.74 -17.61
N LEU A 413 -26.06 -13.18 -16.61
CA LEU A 413 -25.21 -12.02 -16.85
C LEU A 413 -23.85 -12.21 -16.19
N ASP A 414 -23.89 -12.36 -14.88
CA ASP A 414 -22.69 -12.60 -14.08
C ASP A 414 -22.30 -14.09 -14.16
N LYS A 415 -21.08 -14.40 -13.72
CA LYS A 415 -20.50 -15.76 -13.70
C LYS A 415 -19.87 -16.05 -12.34
N ILE A 416 -20.07 -17.25 -11.83
CA ILE A 416 -19.32 -17.79 -10.71
C ILE A 416 -18.22 -18.67 -11.37
N ASP A 417 -16.96 -18.31 -11.18
CA ASP A 417 -15.87 -19.06 -11.84
C ASP A 417 -15.14 -19.98 -10.79
N LEU A 418 -15.25 -21.31 -10.94
CA LEU A 418 -14.61 -22.31 -10.04
C LEU A 418 -13.35 -23.02 -10.61
N THR A 419 -12.92 -22.54 -11.75
CA THR A 419 -11.97 -23.19 -12.63
C THR A 419 -10.60 -23.33 -11.92
N GLY A 420 -10.30 -22.47 -10.94
CA GLY A 420 -9.01 -22.51 -10.26
C GLY A 420 -9.02 -23.64 -9.23
N ILE A 421 -10.23 -24.08 -8.90
CA ILE A 421 -10.41 -25.28 -8.09
C ILE A 421 -10.52 -26.50 -9.01
N THR A 422 -11.40 -26.49 -10.04
CA THR A 422 -11.64 -27.71 -10.84
C THR A 422 -10.60 -27.99 -11.95
N HIS A 423 -9.77 -27.01 -12.26
CA HIS A 423 -8.88 -27.05 -13.41
C HIS A 423 -9.58 -27.52 -14.62
N LEU A 424 -10.80 -27.04 -14.80
CA LEU A 424 -11.59 -27.36 -16.00
C LEU A 424 -12.15 -28.80 -16.07
N SER A 425 -12.17 -29.52 -14.96
CA SER A 425 -12.79 -30.86 -14.91
C SER A 425 -14.31 -30.84 -14.88
N GLY A 426 -14.93 -29.68 -14.65
CA GLY A 426 -16.37 -29.56 -14.84
C GLY A 426 -17.09 -29.99 -13.58
N LEU A 427 -18.41 -29.89 -13.59
CA LEU A 427 -19.19 -30.30 -12.40
C LEU A 427 -20.26 -31.21 -12.91
N ASN A 428 -20.85 -32.00 -12.05
CA ASN A 428 -22.03 -32.78 -12.46
C ASN A 428 -23.25 -32.27 -11.74
N PHE A 429 -24.23 -31.64 -12.41
CA PHE A 429 -25.31 -31.02 -11.64
C PHE A 429 -26.34 -32.06 -11.24
N VAL A 430 -26.66 -32.17 -9.95
CA VAL A 430 -27.54 -33.25 -9.45
C VAL A 430 -28.50 -32.66 -8.43
N ASN A 431 -29.54 -33.38 -8.05
CA ASN A 431 -30.44 -32.85 -7.01
C ASN A 431 -29.92 -33.12 -5.61
N ALA A 432 -29.02 -34.08 -5.46
CA ALA A 432 -28.41 -34.28 -4.13
C ALA A 432 -27.15 -35.04 -4.37
N PHE A 433 -26.26 -35.01 -3.37
CA PHE A 433 -24.90 -35.52 -3.60
C PHE A 433 -24.96 -37.03 -3.72
N THR A 434 -24.16 -37.57 -4.65
CA THR A 434 -24.23 -38.99 -4.95
C THR A 434 -22.98 -39.70 -4.54
N GLY A 435 -22.00 -38.96 -4.03
CA GLY A 435 -20.74 -39.57 -3.67
C GLY A 435 -19.73 -39.53 -4.80
N GLN A 436 -20.01 -38.75 -5.85
CA GLN A 436 -19.05 -38.55 -6.94
C GLN A 436 -18.40 -37.17 -6.78
N ALA A 437 -17.09 -37.11 -6.91
CA ALA A 437 -16.34 -35.83 -6.95
C ALA A 437 -16.80 -34.88 -8.03
N GLY A 438 -17.06 -33.65 -7.63
CA GLY A 438 -17.52 -32.72 -8.63
C GLY A 438 -19.05 -32.65 -8.73
N ASP A 439 -19.76 -33.41 -7.91
CA ASP A 439 -21.27 -33.23 -7.83
C ASP A 439 -21.65 -31.85 -7.31
N ALA A 440 -22.66 -31.20 -7.88
CA ALA A 440 -23.02 -29.82 -7.47
C ALA A 440 -24.55 -29.71 -7.44
N VAL A 441 -25.11 -28.97 -6.51
CA VAL A 441 -26.54 -28.72 -6.53
C VAL A 441 -26.81 -27.22 -6.44
N VAL A 442 -27.53 -26.70 -7.42
CA VAL A 442 -27.98 -25.34 -7.41
C VAL A 442 -29.45 -25.34 -7.06
N SER A 443 -29.85 -24.44 -6.15
CA SER A 443 -31.19 -24.42 -5.63
C SER A 443 -31.54 -22.94 -5.61
N TYR A 444 -32.81 -22.69 -5.53
CA TYR A 444 -33.32 -21.35 -5.33
C TYR A 444 -34.38 -21.43 -4.26
N ASN A 445 -34.18 -20.64 -3.20
CA ASN A 445 -35.14 -20.59 -2.09
C ASN A 445 -36.07 -19.41 -2.40
N GLN A 446 -37.26 -19.70 -2.94
CA GLN A 446 -38.23 -18.61 -3.24
C GLN A 446 -38.50 -17.73 -2.02
N ALA A 447 -38.48 -18.37 -0.83
CA ALA A 447 -38.95 -17.69 0.40
C ALA A 447 -38.04 -16.51 0.76
N SER A 448 -36.76 -16.60 0.40
CA SER A 448 -35.83 -15.54 0.78
C SER A 448 -35.14 -14.95 -0.41
N ASN A 449 -35.65 -15.28 -1.60
CA ASN A 449 -35.00 -14.92 -2.87
C ASN A 449 -33.48 -15.20 -2.81
N ALA A 450 -33.12 -16.40 -2.32
CA ALA A 450 -31.72 -16.74 -2.13
C ALA A 450 -31.38 -17.94 -2.97
N GLY A 451 -30.42 -17.73 -3.87
CA GLY A 451 -29.87 -18.81 -4.69
C GLY A 451 -28.85 -19.53 -3.85
N SER A 452 -28.56 -20.80 -4.13
CA SER A 452 -27.33 -21.35 -3.54
C SER A 452 -26.70 -22.30 -4.54
N LEU A 453 -25.35 -22.37 -4.52
CA LEU A 453 -24.59 -23.38 -5.27
C LEU A 453 -23.82 -24.17 -4.20
N GLN A 454 -24.08 -25.47 -4.07
CA GLN A 454 -23.30 -26.27 -3.10
C GLN A 454 -22.50 -27.22 -3.98
N VAL A 455 -21.24 -27.44 -3.65
CA VAL A 455 -20.39 -28.33 -4.44
C VAL A 455 -19.62 -29.32 -3.56
N ASP A 456 -19.56 -30.57 -4.01
CA ASP A 456 -18.84 -31.58 -3.30
C ASP A 456 -17.65 -31.92 -4.15
N PHE A 457 -16.60 -31.15 -4.01
CA PHE A 457 -15.40 -31.34 -4.77
C PHE A 457 -14.70 -32.65 -4.45
N SER A 458 -14.64 -33.03 -3.19
CA SER A 458 -13.95 -34.25 -2.79
C SER A 458 -14.68 -35.51 -3.21
N GLY A 459 -15.99 -35.46 -3.18
CA GLY A 459 -16.85 -36.59 -3.46
C GLY A 459 -17.22 -37.41 -2.22
N HIS A 460 -17.28 -36.79 -1.07
CA HIS A 460 -17.67 -37.53 0.10
C HIS A 460 -19.15 -37.66 0.33
N GLY A 461 -19.97 -37.01 -0.47
CA GLY A 461 -21.41 -37.07 -0.33
C GLY A 461 -22.08 -35.93 0.42
N VAL A 462 -21.31 -34.94 0.84
CA VAL A 462 -21.84 -33.75 1.56
C VAL A 462 -21.08 -32.56 0.93
N ALA A 463 -21.70 -31.39 0.96
CA ALA A 463 -21.15 -30.18 0.34
C ALA A 463 -19.90 -29.85 1.12
N ASP A 464 -18.81 -29.55 0.41
CA ASP A 464 -17.68 -28.95 1.07
C ASP A 464 -17.47 -27.47 0.71
N PHE A 465 -18.40 -26.96 -0.10
CA PHE A 465 -18.31 -25.65 -0.69
C PHE A 465 -19.74 -25.10 -0.86
N LEU A 466 -19.95 -23.83 -0.54
CA LEU A 466 -21.28 -23.21 -0.57
C LEU A 466 -21.14 -21.72 -0.89
N ILE A 467 -21.88 -21.27 -1.92
CA ILE A 467 -22.03 -19.83 -2.15
C ILE A 467 -23.50 -19.58 -2.17
N THR A 468 -23.94 -18.57 -1.43
CA THR A 468 -25.32 -18.02 -1.51
C THR A 468 -25.38 -16.78 -2.43
N THR A 469 -26.47 -16.64 -3.16
CA THR A 469 -26.69 -15.47 -3.98
C THR A 469 -27.99 -14.75 -3.55
N VAL A 470 -28.01 -13.44 -3.76
CA VAL A 470 -29.24 -12.68 -3.78
C VAL A 470 -29.75 -12.71 -5.24
N GLY A 471 -30.92 -13.34 -5.45
CA GLY A 471 -31.44 -13.61 -6.78
C GLY A 471 -31.12 -15.05 -7.16
N GLN A 472 -31.68 -15.52 -8.25
CA GLN A 472 -31.35 -16.86 -8.63
C GLN A 472 -29.95 -17.04 -9.22
N VAL A 473 -29.47 -18.28 -9.12
CA VAL A 473 -28.33 -18.80 -9.84
C VAL A 473 -28.71 -19.98 -10.73
N ALA A 474 -28.17 -20.03 -11.93
CA ALA A 474 -28.44 -21.13 -12.81
C ALA A 474 -27.16 -21.86 -13.17
N THR A 475 -27.29 -23.12 -13.60
CA THR A 475 -26.14 -23.93 -14.06
C THR A 475 -25.30 -23.22 -15.12
N TYR A 476 -25.95 -22.47 -16.03
CA TYR A 476 -25.24 -21.70 -17.05
C TYR A 476 -24.61 -20.37 -16.52
N ASP A 477 -24.68 -20.12 -15.21
CA ASP A 477 -24.01 -19.00 -14.57
C ASP A 477 -22.67 -19.49 -13.99
N ILE A 478 -22.37 -20.78 -14.15
CA ILE A 478 -21.23 -21.36 -13.41
C ILE A 478 -20.10 -21.78 -14.35
N VAL A 479 -18.87 -21.31 -14.10
CA VAL A 479 -17.77 -21.70 -15.02
C VAL A 479 -16.90 -22.69 -14.24
N ALA A 480 -16.67 -23.88 -14.77
CA ALA A 480 -15.96 -24.94 -14.02
C ALA A 480 -15.25 -25.96 -14.93
ZN ZN B . 19.38 10.36 1.27
CA CA C . 10.74 9.23 25.34
CA CA D . -8.85 2.22 10.57
CA CA E . -9.05 -2.95 9.61
CA CA F . -15.64 -1.44 -12.00
CA CA G . -19.44 -4.27 -12.44
CA CA H . -11.97 -12.58 2.21
CA CA I . -14.54 -15.97 0.70
CA CA J . -23.35 -7.37 -12.48
#